data_6I0V
#
_entry.id   6I0V
#
_cell.length_a   60.077
_cell.length_b   60.077
_cell.length_c   162.293
_cell.angle_alpha   90.00
_cell.angle_beta   90.00
_cell.angle_gamma   120.00
#
_symmetry.space_group_name_H-M   'P 31 2 1'
#
loop_
_entity.id
_entity.type
_entity.pdbx_description
1 polymer 'Terminal uridylyltransferase Tailor'
2 polymer "RNA (5'-R(*CP*AP*CP*AP*GP*U)-3')"
3 non-polymer 'MAGNESIUM ION'
4 water water
#
loop_
_entity_poly.entity_id
_entity_poly.type
_entity_poly.pdbx_seq_one_letter_code
_entity_poly.pdbx_strand_id
1 'polypeptide(L)'
;SNAPVQPHPTHQTKQEKKQAQVKARQHITVRLPKKARAMIVGEITNVFKDKYPIADKLKVIPEYDVIEQDLCKLLSPGFP
KQPLRVYKFGSRITGIGNRSSDLDLFVDIGNTFHTFEHRASNATVAKLRAMRKFFCDSEDWRLINFIEQARVPIIKTCHL
PTGIECDICLNSMGFCNTNLLKYIFESQPLTQYMCIYVKNWLERCKLTEQISTYSITLMVIYFLQLQALLPPIAMLQIED
AANQAVLVGPWVVNFAQKSFSELGLQQLKATVPVIKGFLRNFFAYFAKFDYEHFLVCPYIGQANVEIAKIERMLHARYSA
YVSDNPECSIQLKKPMVVQDPIQLNHNVTKAVTKYGLQTFVDYCQQTAELLEEPSTNWRQRYAF
;
A
2 'polyribonucleotide' CACAGU B
#
# COMPACT_ATOMS: atom_id res chain seq x y z
N VAL A 22 -7.72 6.66 25.22
CA VAL A 22 -7.20 7.92 24.71
C VAL A 22 -8.21 9.03 24.91
N LYS A 23 -9.44 8.78 24.43
CA LYS A 23 -10.49 9.79 24.50
C LYS A 23 -10.74 10.22 25.94
N ALA A 24 -10.62 9.29 26.89
CA ALA A 24 -10.87 9.62 28.28
C ALA A 24 -9.77 10.52 28.84
N ARG A 25 -8.52 10.26 28.48
CA ARG A 25 -7.37 11.01 29.00
C ARG A 25 -6.51 11.45 27.81
N GLN A 26 -7.01 12.45 27.08
CA GLN A 26 -6.31 12.98 25.91
C GLN A 26 -4.95 13.56 26.31
N HIS A 27 -4.82 14.02 27.56
CA HIS A 27 -3.59 14.65 28.04
C HIS A 27 -2.48 13.66 28.35
N ILE A 28 -2.71 12.36 28.22
CA ILE A 28 -1.73 11.33 28.57
C ILE A 28 -1.24 10.68 27.29
N THR A 29 0.08 10.51 27.16
CA THR A 29 0.75 9.88 26.02
C THR A 29 0.40 8.39 26.08
N VAL A 30 -0.40 7.86 25.16
CA VAL A 30 -0.74 6.44 25.15
C VAL A 30 0.54 5.64 25.19
N ARG A 31 0.67 4.78 26.20
CA ARG A 31 1.92 4.06 26.39
C ARG A 31 2.19 3.13 25.23
N LEU A 32 3.39 3.22 24.68
CA LEU A 32 3.85 2.28 23.67
C LEU A 32 3.67 0.86 24.20
N PRO A 33 2.95 -0.01 23.48
CA PRO A 33 2.73 -1.37 23.99
C PRO A 33 4.05 -2.09 24.23
N LYS A 34 4.07 -2.90 25.29
CA LYS A 34 5.31 -3.57 25.68
C LYS A 34 5.88 -4.40 24.54
N LYS A 35 5.02 -5.07 23.78
CA LYS A 35 5.49 -5.89 22.67
C LYS A 35 6.29 -5.04 21.68
N ALA A 36 5.85 -3.80 21.46
CA ALA A 36 6.59 -2.89 20.60
C ALA A 36 7.87 -2.42 21.27
N ARG A 37 7.79 -2.01 22.53
CA ARG A 37 8.97 -1.54 23.24
C ARG A 37 10.08 -2.57 23.19
N ALA A 38 9.73 -3.85 23.36
CA ALA A 38 10.74 -4.90 23.36
C ALA A 38 11.50 -4.97 22.04
N MET A 39 10.75 -4.97 20.95
CA MET A 39 11.35 -5.04 19.62
C MET A 39 12.14 -3.75 19.35
N ILE A 40 11.68 -2.57 19.68
CA ILE A 40 12.47 -1.35 19.36
C ILE A 40 13.82 -1.37 20.10
N VAL A 41 13.80 -1.63 21.42
CA VAL A 41 15.01 -1.61 22.28
C VAL A 41 15.99 -2.73 21.91
N GLY A 42 15.53 -3.75 21.21
CA GLY A 42 16.38 -4.86 20.78
C GLY A 42 17.06 -4.55 19.47
N ILE A 44 18.01 -3.95 16.00
CA ILE A 44 17.36 -3.88 14.66
C ILE A 44 17.93 -4.96 13.73
N THR A 45 18.78 -5.83 14.23
CA THR A 45 19.47 -6.87 13.46
C THR A 45 18.46 -7.88 12.88
N ASN A 46 17.32 -8.13 13.50
CA ASN A 46 16.36 -9.15 13.00
C ASN A 46 15.88 -8.84 11.57
N VAL A 47 15.55 -7.60 11.30
CA VAL A 47 15.09 -7.21 9.95
C VAL A 47 16.23 -7.40 8.97
N PHE A 48 17.39 -6.90 9.32
CA PHE A 48 18.57 -6.93 8.44
C PHE A 48 19.00 -8.36 8.11
N LYS A 49 19.03 -9.25 9.09
CA LYS A 49 19.60 -10.60 8.88
C LYS A 49 18.55 -11.71 8.66
N ASP A 50 17.36 -11.63 9.22
CA ASP A 50 16.34 -12.72 9.14
C ASP A 50 15.07 -12.32 8.37
N LYS A 51 14.38 -11.24 8.74
CA LYS A 51 13.10 -10.96 8.09
C LYS A 51 13.28 -10.51 6.65
N TYR A 52 14.36 -9.80 6.33
CA TYR A 52 14.64 -9.37 4.94
C TYR A 52 14.79 -10.59 4.03
N PRO A 53 15.64 -11.58 4.32
CA PRO A 53 15.80 -12.71 3.42
C PRO A 53 14.47 -13.42 3.15
N ILE A 54 13.63 -13.60 4.16
CA ILE A 54 12.31 -14.25 4.02
C ILE A 54 11.40 -13.39 3.10
N ALA A 55 11.38 -12.07 3.29
CA ALA A 55 10.55 -11.15 2.49
C ALA A 55 11.01 -11.22 1.03
N ASP A 56 12.32 -11.24 0.80
CA ASP A 56 12.91 -11.29 -0.55
C ASP A 56 12.53 -12.61 -1.24
N LYS A 57 12.59 -13.72 -0.52
CA LYS A 57 12.26 -15.08 -1.03
C LYS A 57 10.78 -15.13 -1.40
N LEU A 58 9.93 -14.45 -0.63
CA LEU A 58 8.45 -14.46 -0.78
C LEU A 58 7.99 -13.69 -2.02
N LYS A 59 8.83 -12.88 -2.66
CA LYS A 59 8.49 -12.18 -3.90
C LYS A 59 8.13 -13.23 -4.96
N VAL A 60 8.88 -14.33 -5.07
CA VAL A 60 8.60 -15.41 -6.04
C VAL A 60 8.69 -16.79 -5.38
N ILE A 61 7.60 -17.53 -5.28
CA ILE A 61 7.62 -18.92 -4.75
C ILE A 61 6.73 -19.77 -5.66
N PRO A 62 6.99 -21.08 -5.77
CA PRO A 62 6.17 -21.94 -6.65
C PRO A 62 4.68 -21.90 -6.34
N GLU A 63 4.31 -21.71 -5.07
CA GLU A 63 2.91 -21.70 -4.69
C GLU A 63 2.10 -20.69 -5.47
N TYR A 64 2.72 -19.58 -5.89
CA TYR A 64 1.95 -18.55 -6.58
C TYR A 64 1.54 -19.01 -7.98
N ASP A 65 2.37 -19.81 -8.64
CA ASP A 65 2.00 -20.32 -9.96
C ASP A 65 0.79 -21.25 -9.87
N VAL A 66 0.78 -22.11 -8.85
CA VAL A 66 -0.35 -22.99 -8.64
C VAL A 66 -1.62 -22.18 -8.43
N ILE A 67 -1.54 -21.14 -7.61
CA ILE A 67 -2.73 -20.33 -7.31
C ILE A 67 -3.28 -19.71 -8.58
N GLU A 68 -2.42 -19.03 -9.36
CA GLU A 68 -2.89 -18.37 -10.58
C GLU A 68 -3.45 -19.38 -11.56
N GLN A 69 -2.76 -20.52 -11.70
CA GLN A 69 -3.22 -21.56 -12.61
C GLN A 69 -4.59 -22.08 -12.18
N ASP A 70 -4.75 -22.38 -10.89
CA ASP A 70 -6.01 -22.92 -10.40
C ASP A 70 -7.13 -21.91 -10.53
N LEU A 71 -6.82 -20.63 -10.43
CA LEU A 71 -7.83 -19.59 -10.62
C LEU A 71 -8.29 -19.55 -12.08
N CYS A 72 -7.35 -19.63 -13.02
CA CYS A 72 -7.72 -19.72 -14.43
C CYS A 72 -8.55 -20.97 -14.69
N LYS A 73 -8.08 -22.12 -14.22
CA LYS A 73 -8.82 -23.35 -14.44
C LYS A 73 -10.22 -23.28 -13.84
N LEU A 74 -10.34 -22.64 -12.68
CA LEU A 74 -11.65 -22.55 -12.02
C LEU A 74 -12.59 -21.61 -12.77
N LEU A 75 -12.09 -20.48 -13.25
CA LEU A 75 -12.95 -19.45 -13.81
C LEU A 75 -13.04 -19.49 -15.33
N SER A 76 -12.12 -20.19 -16.01
CA SER A 76 -12.21 -20.27 -17.46
C SER A 76 -13.53 -20.86 -17.93
N PRO A 77 -14.12 -21.87 -17.29
CA PRO A 77 -15.42 -22.37 -17.74
C PRO A 77 -16.54 -21.39 -17.47
N GLY A 78 -16.48 -20.64 -16.38
CA GLY A 78 -17.54 -19.70 -16.05
C GLY A 78 -17.67 -18.56 -17.04
N PHE A 79 -16.59 -18.22 -17.74
CA PHE A 79 -16.58 -17.14 -18.72
C PHE A 79 -15.88 -17.66 -19.97
N PRO A 80 -16.57 -18.49 -20.78
CA PRO A 80 -15.88 -19.34 -21.75
C PRO A 80 -15.03 -18.58 -22.78
N LYS A 81 -15.67 -17.75 -23.61
CA LYS A 81 -14.93 -17.02 -24.64
C LYS A 81 -14.22 -15.79 -24.10
N GLN A 82 -14.48 -15.42 -22.85
CA GLN A 82 -14.01 -14.16 -22.32
C GLN A 82 -12.49 -14.18 -22.13
N PRO A 83 -11.80 -13.07 -22.41
CA PRO A 83 -10.38 -12.98 -22.02
C PRO A 83 -10.25 -13.04 -20.52
N LEU A 84 -9.14 -13.61 -20.06
CA LEU A 84 -8.89 -13.81 -18.64
C LEU A 84 -7.41 -13.65 -18.34
N ARG A 85 -7.09 -12.84 -17.34
CA ARG A 85 -5.71 -12.72 -16.88
C ARG A 85 -5.72 -12.42 -15.39
N VAL A 86 -4.78 -13.02 -14.68
CA VAL A 86 -4.64 -12.87 -13.23
C VAL A 86 -3.36 -12.10 -12.95
N TYR A 87 -3.45 -11.10 -12.08
CA TYR A 87 -2.30 -10.31 -11.66
C TYR A 87 -2.12 -10.45 -10.16
N LYS A 88 -0.90 -10.79 -9.73
CA LYS A 88 -0.55 -10.79 -8.31
C LYS A 88 -0.07 -9.41 -7.89
N PHE A 89 -0.38 -9.03 -6.66
CA PHE A 89 0.15 -7.80 -6.09
C PHE A 89 0.12 -7.92 -4.57
N GLY A 90 0.43 -6.83 -3.88
CA GLY A 90 0.45 -6.83 -2.44
C GLY A 90 1.84 -7.05 -1.87
N SER A 91 1.89 -7.21 -0.55
CA SER A 91 3.15 -7.16 0.18
C SER A 91 4.07 -8.32 -0.18
N ARG A 92 3.51 -9.48 -0.46
CA ARG A 92 4.33 -10.64 -0.85
C ARG A 92 5.11 -10.27 -2.11
N ILE A 93 4.47 -9.59 -3.07
CA ILE A 93 5.07 -9.32 -4.38
C ILE A 93 6.08 -8.19 -4.30
N THR A 94 5.80 -7.14 -3.50
CA THR A 94 6.76 -6.05 -3.38
C THR A 94 8.00 -6.43 -2.57
N GLY A 95 7.92 -7.46 -1.74
CA GLY A 95 9.05 -7.91 -0.95
C GLY A 95 9.08 -7.47 0.50
N ILE A 96 7.93 -7.17 1.10
CA ILE A 96 7.85 -6.83 2.55
C ILE A 96 6.93 -7.84 3.27
N GLY A 97 6.62 -8.96 2.65
CA GLY A 97 5.75 -9.98 3.21
C GLY A 97 6.45 -10.89 4.22
N ASN A 98 5.64 -11.67 4.92
CA ASN A 98 6.06 -12.72 5.87
C ASN A 98 5.26 -13.97 5.53
N ARG A 99 5.60 -15.12 6.11
CA ARG A 99 4.97 -16.41 5.75
C ARG A 99 3.45 -16.39 5.98
N SER A 100 2.93 -15.66 6.95
CA SER A 100 1.48 -15.56 7.26
C SER A 100 0.78 -14.54 6.35
N SER A 101 1.51 -13.76 5.55
CA SER A 101 0.93 -12.72 4.66
C SER A 101 -0.08 -13.35 3.69
N ASP A 102 -1.15 -12.63 3.43
CA ASP A 102 -2.14 -13.07 2.41
C ASP A 102 -1.57 -12.73 1.02
N LEU A 103 -2.17 -13.29 -0.01
CA LEU A 103 -1.80 -13.01 -1.39
C LEU A 103 -2.94 -12.27 -2.05
N ASP A 104 -2.63 -11.14 -2.69
CA ASP A 104 -3.65 -10.31 -3.33
C ASP A 104 -3.64 -10.55 -4.82
N LEU A 105 -4.82 -10.74 -5.41
CA LEU A 105 -4.92 -11.11 -6.81
C LEU A 105 -6.03 -10.32 -7.50
N PHE A 106 -5.72 -9.81 -8.68
CA PHE A 106 -6.67 -9.11 -9.53
C PHE A 106 -7.01 -10.02 -10.70
N VAL A 107 -8.26 -10.41 -10.80
CA VAL A 107 -8.75 -11.22 -11.90
C VAL A 107 -9.39 -10.28 -12.91
N ASP A 108 -8.76 -10.12 -14.08
CA ASP A 108 -9.29 -9.29 -15.14
C ASP A 108 -10.07 -10.17 -16.11
N ILE A 109 -11.40 -10.00 -16.13
CA ILE A 109 -12.28 -10.69 -17.07
C ILE A 109 -12.77 -9.66 -18.07
N GLY A 110 -12.46 -9.87 -19.35
CA GLY A 110 -12.93 -8.99 -20.39
C GLY A 110 -12.11 -7.74 -20.61
N ASN A 111 -10.80 -7.81 -20.38
CA ASN A 111 -9.90 -6.68 -20.64
C ASN A 111 -10.40 -5.38 -20.01
N THR A 112 -10.74 -5.47 -18.72
CA THR A 112 -11.17 -4.29 -17.97
C THR A 112 -10.02 -3.62 -17.22
N PHE A 113 -8.77 -4.01 -17.52
CA PHE A 113 -7.62 -3.50 -16.78
C PHE A 113 -7.66 -1.98 -16.68
N HIS A 114 -7.91 -1.30 -17.79
CA HIS A 114 -7.81 0.19 -17.91
C HIS A 114 -9.10 0.92 -17.51
N THR A 115 -10.05 0.26 -16.90
CA THR A 115 -11.31 0.89 -16.51
C THR A 115 -11.28 1.19 -15.01
N PHE A 116 -11.56 2.45 -14.66
CA PHE A 116 -11.60 2.86 -13.26
C PHE A 116 -13.04 2.98 -12.81
N GLU A 117 -13.37 2.31 -11.71
CA GLU A 117 -14.66 2.44 -11.04
C GLU A 117 -14.42 3.08 -9.68
N HIS A 118 -14.90 4.30 -9.51
CA HIS A 118 -14.86 4.92 -8.19
C HIS A 118 -15.60 4.07 -7.18
N ARG A 119 -16.84 3.71 -7.50
CA ARG A 119 -17.60 2.73 -6.75
C ARG A 119 -17.87 1.54 -7.67
N ALA A 120 -17.84 0.34 -7.11
CA ALA A 120 -17.98 -0.87 -7.91
C ALA A 120 -19.30 -0.86 -8.67
N SER A 121 -19.23 -1.16 -9.96
CA SER A 121 -20.40 -1.15 -10.81
C SER A 121 -21.24 -2.40 -10.60
N ASN A 122 -22.44 -2.41 -11.20
CA ASN A 122 -23.28 -3.59 -11.15
C ASN A 122 -22.59 -4.79 -11.79
N ALA A 123 -22.06 -4.61 -13.00
CA ALA A 123 -21.33 -5.68 -13.67
C ALA A 123 -20.24 -6.24 -12.76
N THR A 124 -19.47 -5.36 -12.14
CA THR A 124 -18.36 -5.79 -11.27
C THR A 124 -18.91 -6.63 -10.12
N VAL A 125 -19.96 -6.16 -9.47
CA VAL A 125 -20.62 -6.88 -8.35
C VAL A 125 -21.23 -8.16 -8.91
N ALA A 126 -21.78 -8.12 -10.10
CA ALA A 126 -22.39 -9.28 -10.76
C ALA A 126 -21.32 -10.35 -10.97
N LYS A 127 -20.15 -9.94 -11.46
CA LYS A 127 -18.99 -10.83 -11.71
C LYS A 127 -18.52 -11.47 -10.41
N LEU A 128 -18.43 -10.68 -9.35
CA LEU A 128 -17.94 -11.16 -8.05
C LEU A 128 -18.89 -12.22 -7.51
N ARG A 129 -20.19 -12.00 -7.68
CA ARG A 129 -21.25 -12.92 -7.19
C ARG A 129 -21.12 -14.26 -7.93
N ALA A 130 -20.86 -14.22 -9.22
CA ALA A 130 -20.67 -15.41 -10.06
C ALA A 130 -19.42 -16.14 -9.59
N MET A 131 -18.36 -15.42 -9.28
CA MET A 131 -17.12 -16.03 -8.84
C MET A 131 -17.27 -16.63 -7.45
N ARG A 132 -18.05 -15.97 -6.59
CA ARG A 132 -18.31 -16.52 -5.25
C ARG A 132 -18.77 -17.97 -5.35
N LYS A 133 -19.76 -18.24 -6.20
CA LYS A 133 -20.31 -19.59 -6.30
C LYS A 133 -19.22 -20.59 -6.68
N PHE A 134 -18.33 -20.21 -7.59
CA PHE A 134 -17.29 -21.12 -8.04
C PHE A 134 -16.35 -21.50 -6.89
N PHE A 135 -16.05 -20.55 -6.01
CA PHE A 135 -15.16 -20.87 -4.89
C PHE A 135 -15.86 -21.78 -3.88
N CYS A 136 -17.14 -21.50 -3.59
CA CYS A 136 -17.89 -22.38 -2.70
C CYS A 136 -17.93 -23.81 -3.24
N ASP A 137 -18.31 -23.96 -4.52
CA ASP A 137 -18.49 -25.30 -5.09
C ASP A 137 -17.16 -26.01 -5.27
N SER A 138 -16.08 -25.29 -5.47
CA SER A 138 -14.79 -25.93 -5.71
C SER A 138 -14.28 -26.57 -4.44
N GLU A 139 -13.67 -27.74 -4.59
CA GLU A 139 -13.09 -28.44 -3.46
C GLU A 139 -11.63 -28.07 -3.23
N ASP A 140 -11.09 -27.14 -4.02
CA ASP A 140 -9.75 -26.61 -3.81
C ASP A 140 -9.75 -25.23 -3.16
N TRP A 141 -10.92 -24.65 -2.93
CA TRP A 141 -11.01 -23.32 -2.34
C TRP A 141 -12.02 -23.34 -1.20
N ARG A 142 -11.71 -22.60 -0.14
CA ARG A 142 -12.66 -22.33 0.92
C ARG A 142 -13.03 -20.85 0.86
N LEU A 143 -14.31 -20.57 0.70
CA LEU A 143 -14.77 -19.18 0.72
C LEU A 143 -14.76 -18.69 2.16
N ILE A 144 -14.03 -17.61 2.40
CA ILE A 144 -13.92 -17.04 3.74
C ILE A 144 -14.88 -15.87 3.92
N ASN A 145 -14.86 -14.93 3.00
CA ASN A 145 -15.77 -13.78 3.10
C ASN A 145 -16.02 -13.23 1.70
N PHE A 146 -17.17 -12.63 1.49
CA PHE A 146 -17.53 -11.93 0.26
C PHE A 146 -17.96 -10.53 0.65
N ILE A 147 -17.07 -9.53 0.46
CA ILE A 147 -17.29 -8.12 0.82
C ILE A 147 -17.68 -7.37 -0.46
N GLU A 148 -18.97 -7.14 -0.70
CA GLU A 148 -19.45 -6.49 -1.91
C GLU A 148 -19.55 -4.98 -1.79
N GLN A 149 -19.77 -4.48 -0.59
CA GLN A 149 -20.08 -3.07 -0.39
C GLN A 149 -18.84 -2.22 -0.09
N ALA A 150 -17.65 -2.80 -0.16
CA ALA A 150 -16.43 -2.03 0.01
C ALA A 150 -16.14 -1.18 -1.22
N ARG A 151 -15.32 -0.14 -1.04
CA ARG A 151 -14.82 0.63 -2.17
C ARG A 151 -14.27 -0.29 -3.25
N VAL A 152 -13.41 -1.23 -2.83
CA VAL A 152 -12.94 -2.30 -3.70
C VAL A 152 -13.56 -3.60 -3.19
N PRO A 153 -14.63 -4.09 -3.80
CA PRO A 153 -15.18 -5.38 -3.38
C PRO A 153 -14.16 -6.48 -3.59
N ILE A 154 -14.13 -7.44 -2.65
CA ILE A 154 -13.18 -8.55 -2.73
C ILE A 154 -13.85 -9.83 -2.30
N ILE A 155 -13.31 -10.94 -2.80
CA ILE A 155 -13.60 -12.27 -2.30
C ILE A 155 -12.39 -12.72 -1.50
N LYS A 156 -12.62 -13.13 -0.26
CA LYS A 156 -11.57 -13.69 0.59
C LYS A 156 -11.74 -15.20 0.62
N THR A 157 -10.72 -15.92 0.15
CA THR A 157 -10.82 -17.37 0.02
C THR A 157 -9.47 -18.00 0.28
N CYS A 158 -9.49 -19.19 0.87
CA CYS A 158 -8.28 -19.94 1.13
C CYS A 158 -8.03 -20.91 -0.03
N HIS A 159 -6.82 -20.86 -0.59
CA HIS A 159 -6.37 -21.86 -1.56
C HIS A 159 -5.90 -23.08 -0.79
N LEU A 160 -6.72 -24.12 -0.79
CA LEU A 160 -6.51 -25.26 0.10
C LEU A 160 -5.27 -26.05 -0.25
N PRO A 161 -4.92 -26.22 -1.53
CA PRO A 161 -3.68 -26.97 -1.82
C PRO A 161 -2.44 -26.35 -1.19
N THR A 162 -2.37 -25.03 -1.10
CA THR A 162 -1.22 -24.35 -0.51
C THR A 162 -1.49 -23.83 0.90
N GLY A 163 -2.76 -23.63 1.26
CA GLY A 163 -3.10 -22.99 2.51
C GLY A 163 -2.99 -21.48 2.49
N ILE A 164 -2.67 -20.89 1.35
CA ILE A 164 -2.42 -19.44 1.27
C ILE A 164 -3.78 -18.73 1.15
N GLU A 165 -4.05 -17.73 1.98
CA GLU A 165 -5.28 -16.95 1.94
C GLU A 165 -5.17 -15.88 0.85
N CYS A 166 -6.18 -15.83 0.00
CA CYS A 166 -6.15 -14.97 -1.18
C CYS A 166 -7.27 -13.93 -1.10
N ASP A 167 -6.92 -12.68 -1.34
CA ASP A 167 -7.89 -11.60 -1.56
C ASP A 167 -8.01 -11.37 -3.06
N ILE A 168 -9.20 -11.59 -3.61
CA ILE A 168 -9.43 -11.51 -5.06
C ILE A 168 -10.29 -10.30 -5.34
N CYS A 169 -9.84 -9.45 -6.26
CA CYS A 169 -10.54 -8.24 -6.61
C CYS A 169 -10.62 -8.12 -8.13
N LEU A 170 -11.40 -7.15 -8.60
CA LEU A 170 -11.62 -6.90 -10.01
C LEU A 170 -11.15 -5.51 -10.40
N ASN A 171 -10.07 -5.06 -9.77
CA ASN A 171 -9.59 -3.69 -9.82
C ASN A 171 -8.08 -3.73 -10.03
N SER A 172 -7.59 -3.00 -11.03
CA SER A 172 -6.18 -3.09 -11.42
C SER A 172 -5.26 -2.16 -10.62
N MET A 173 -5.79 -1.27 -9.80
CA MET A 173 -4.95 -0.22 -9.22
C MET A 173 -3.90 -0.79 -8.28
N GLY A 174 -4.23 -1.84 -7.53
CA GLY A 174 -3.28 -2.39 -6.58
C GLY A 174 -2.08 -3.00 -7.28
N PHE A 175 -2.33 -3.65 -8.41
CA PHE A 175 -1.23 -4.17 -9.22
C PHE A 175 -0.32 -3.04 -9.70
N CYS A 176 -0.92 -1.90 -10.08
CA CYS A 176 -0.13 -0.80 -10.60
C CYS A 176 0.76 -0.18 -9.53
N ASN A 177 0.22 0.05 -8.33
CA ASN A 177 1.08 0.63 -7.30
C ASN A 177 2.07 -0.40 -6.75
N THR A 178 1.74 -1.69 -6.84
CA THR A 178 2.74 -2.71 -6.50
C THR A 178 3.96 -2.59 -7.41
N ASN A 179 3.76 -2.40 -8.71
CA ASN A 179 4.88 -2.27 -9.63
C ASN A 179 5.73 -1.05 -9.29
N LEU A 180 5.09 0.04 -8.87
CA LEU A 180 5.82 1.23 -8.45
C LEU A 180 6.65 0.96 -7.19
N LEU A 181 6.07 0.25 -6.21
CA LEU A 181 6.84 -0.07 -5.02
C LEU A 181 8.02 -0.97 -5.36
N LYS A 182 7.82 -1.90 -6.28
CA LYS A 182 8.88 -2.83 -6.71
C LYS A 182 10.05 -2.00 -7.20
N TYR A 183 9.81 -1.06 -8.11
CA TYR A 183 10.86 -0.21 -8.66
C TYR A 183 11.56 0.58 -7.55
N ILE A 184 10.78 1.15 -6.64
CA ILE A 184 11.35 1.94 -5.55
C ILE A 184 12.23 1.07 -4.66
N PHE A 185 11.70 -0.09 -4.23
CA PHE A 185 12.46 -0.95 -3.33
C PHE A 185 13.75 -1.44 -4.00
N GLU A 186 13.67 -1.84 -5.26
CA GLU A 186 14.85 -2.35 -5.95
C GLU A 186 15.87 -1.24 -6.21
N SER A 187 15.43 -0.01 -6.45
CA SER A 187 16.36 1.09 -6.67
C SER A 187 17.02 1.54 -5.37
N GLN A 188 16.28 1.50 -4.26
CA GLN A 188 16.75 2.03 -2.98
C GLN A 188 16.37 1.02 -1.89
N PRO A 189 17.17 -0.03 -1.72
CA PRO A 189 16.78 -1.12 -0.80
C PRO A 189 16.55 -0.66 0.64
N LEU A 190 17.20 0.41 1.08
CA LEU A 190 16.88 0.98 2.39
C LEU A 190 15.37 1.15 2.56
N THR A 191 14.67 1.54 1.49
CA THR A 191 13.23 1.70 1.56
C THR A 191 12.55 0.41 1.99
N GLN A 192 12.98 -0.71 1.43
CA GLN A 192 12.42 -2.05 1.72
C GLN A 192 12.66 -2.40 3.19
N TYR A 193 13.88 -2.26 3.68
CA TYR A 193 14.16 -2.58 5.07
C TYR A 193 13.28 -1.77 6.00
N MET A 194 13.19 -0.46 5.76
CA MET A 194 12.39 0.39 6.62
C MET A 194 10.93 -0.04 6.60
N CYS A 195 10.42 -0.43 5.43
CA CYS A 195 9.02 -0.84 5.35
C CYS A 195 8.79 -2.14 6.10
N ILE A 196 9.73 -3.09 6.01
CA ILE A 196 9.59 -4.31 6.78
C ILE A 196 9.55 -3.99 8.27
N TYR A 197 10.43 -3.07 8.72
CA TYR A 197 10.47 -2.71 10.13
C TYR A 197 9.18 -2.05 10.59
N VAL A 198 8.73 -1.01 9.88
CA VAL A 198 7.53 -0.31 10.33
C VAL A 198 6.30 -1.19 10.18
N LYS A 199 6.30 -2.09 9.20
CA LYS A 199 5.22 -3.06 9.09
C LYS A 199 5.11 -3.89 10.38
N ASN A 200 6.24 -4.43 10.85
CA ASN A 200 6.24 -5.20 12.08
C ASN A 200 5.94 -4.33 13.29
N TRP A 201 6.46 -3.10 13.31
CA TRP A 201 6.16 -2.16 14.39
C TRP A 201 4.66 -1.86 14.46
N LEU A 202 4.01 -1.73 13.32
CA LEU A 202 2.58 -1.45 13.29
C LEU A 202 1.78 -2.62 13.87
N GLU A 203 2.20 -3.84 13.60
CA GLU A 203 1.51 -5.01 14.13
C GLU A 203 1.69 -5.12 15.65
N ARG A 204 2.92 -4.95 16.12
CA ARG A 204 3.16 -5.02 17.56
C ARG A 204 2.47 -3.88 18.31
N CYS A 205 2.24 -2.75 17.65
CA CYS A 205 1.46 -1.67 18.25
C CYS A 205 -0.04 -1.87 18.08
N LYS A 206 -0.48 -2.92 17.38
CA LYS A 206 -1.90 -3.17 17.14
C LYS A 206 -2.59 -1.96 16.51
N LEU A 207 -1.96 -1.41 15.47
CA LEU A 207 -2.50 -0.27 14.75
C LEU A 207 -2.96 -0.61 13.33
N THR A 208 -2.75 -1.85 12.89
CA THR A 208 -2.90 -2.17 11.47
C THR A 208 -4.32 -1.90 10.97
N GLU A 209 -5.33 -2.01 11.84
CA GLU A 209 -6.70 -1.81 11.41
C GLU A 209 -6.99 -0.34 11.09
N GLN A 210 -6.28 0.60 11.73
CA GLN A 210 -6.45 2.02 11.44
C GLN A 210 -5.49 2.47 10.34
N ILE A 211 -4.22 2.11 10.47
CA ILE A 211 -3.16 2.50 9.53
C ILE A 211 -2.64 1.22 8.92
N SER A 212 -2.86 1.04 7.62
CA SER A 212 -2.48 -0.19 6.94
C SER A 212 -0.99 -0.21 6.62
N THR A 213 -0.50 -1.41 6.28
CA THR A 213 0.86 -1.57 5.82
C THR A 213 1.12 -0.72 4.58
N TYR A 214 0.14 -0.67 3.68
CA TYR A 214 0.31 0.13 2.47
C TYR A 214 0.42 1.61 2.82
N SER A 215 -0.41 2.10 3.74
CA SER A 215 -0.34 3.51 4.12
C SER A 215 1.05 3.86 4.65
N ILE A 216 1.59 3.04 5.56
CA ILE A 216 2.88 3.35 6.15
C ILE A 216 3.98 3.23 5.12
N THR A 217 3.81 2.35 4.12
CA THR A 217 4.78 2.30 3.03
C THR A 217 4.85 3.62 2.27
N LEU A 218 3.69 4.24 2.00
CA LEU A 218 3.69 5.54 1.34
C LEU A 218 4.31 6.62 2.22
N MET A 219 4.16 6.50 3.54
CA MET A 219 4.78 7.44 4.47
C MET A 219 6.29 7.28 4.49
N VAL A 220 6.77 6.03 4.42
CA VAL A 220 8.22 5.79 4.31
C VAL A 220 8.75 6.37 3.01
N ILE A 221 8.05 6.09 1.90
CA ILE A 221 8.47 6.64 0.61
C ILE A 221 8.54 8.15 0.68
N TYR A 222 7.49 8.78 1.20
CA TYR A 222 7.47 10.23 1.32
C TYR A 222 8.63 10.73 2.16
N PHE A 223 8.83 10.12 3.34
CA PHE A 223 9.93 10.55 4.19
C PHE A 223 11.26 10.51 3.44
N LEU A 224 11.53 9.41 2.74
CA LEU A 224 12.79 9.27 2.03
C LEU A 224 12.88 10.24 0.85
N GLN A 225 11.75 10.60 0.26
CA GLN A 225 11.76 11.66 -0.74
C GLN A 225 12.28 12.96 -0.14
N LEU A 226 11.84 13.28 1.08
CA LEU A 226 12.29 14.49 1.75
C LEU A 226 13.77 14.44 2.09
N GLN A 227 14.35 13.25 2.24
CA GLN A 227 15.78 13.09 2.44
C GLN A 227 16.56 13.05 1.13
N ALA A 228 15.89 13.29 0.00
CA ALA A 228 16.53 13.27 -1.32
C ALA A 228 17.12 11.90 -1.63
N LEU A 229 16.42 10.84 -1.22
CA LEU A 229 16.82 9.48 -1.56
C LEU A 229 15.83 8.79 -2.49
N LEU A 230 14.70 9.42 -2.79
CA LEU A 230 13.71 8.89 -3.70
C LEU A 230 13.14 10.03 -4.53
N PRO A 231 12.74 9.75 -5.77
CA PRO A 231 12.17 10.81 -6.60
C PRO A 231 10.70 11.02 -6.30
N PRO A 232 10.19 12.23 -6.51
CA PRO A 232 8.73 12.41 -6.57
C PRO A 232 8.16 11.57 -7.70
N ILE A 233 6.98 10.98 -7.45
CA ILE A 233 6.38 10.14 -8.48
C ILE A 233 6.01 10.99 -9.68
N ALA A 234 5.65 12.26 -9.47
CA ALA A 234 5.30 13.13 -10.57
C ALA A 234 6.47 13.33 -11.53
N MET A 235 7.69 13.37 -11.02
CA MET A 235 8.85 13.54 -11.88
C MET A 235 9.17 12.27 -12.68
N LEU A 236 8.56 11.14 -12.37
CA LEU A 236 8.68 9.93 -13.18
C LEU A 236 7.59 9.83 -14.25
N GLN A 237 6.65 10.79 -14.29
CA GLN A 237 5.50 10.70 -15.17
C GLN A 237 5.40 11.86 -16.16
N ILE A 238 6.53 12.49 -16.50
CA ILE A 238 6.53 13.54 -17.50
C ILE A 238 6.21 12.93 -18.86
N GLU A 239 5.16 13.42 -19.50
CA GLU A 239 4.75 12.90 -20.81
C GLU A 239 5.59 13.52 -21.93
N GLN A 244 5.03 8.20 -22.69
CA GLN A 244 3.63 8.06 -23.06
C GLN A 244 2.84 7.46 -21.90
N ALA A 245 1.71 8.07 -21.57
CA ALA A 245 0.97 7.68 -20.38
C ALA A 245 0.14 6.42 -20.62
N VAL A 246 0.10 5.57 -19.60
CA VAL A 246 -0.78 4.37 -19.55
C VAL A 246 -1.87 4.76 -18.56
N LEU A 247 -3.14 4.61 -18.90
CA LEU A 247 -4.20 5.14 -18.03
C LEU A 247 -5.18 4.07 -17.53
N VAL A 248 -5.55 4.13 -16.24
CA VAL A 248 -6.68 3.38 -15.68
C VAL A 248 -7.63 4.53 -15.36
N GLY A 249 -8.67 4.69 -16.17
CA GLY A 249 -9.51 5.87 -16.08
C GLY A 249 -8.65 7.12 -16.14
N PRO A 250 -8.79 8.01 -15.17
CA PRO A 250 -8.02 9.25 -15.20
C PRO A 250 -6.62 9.17 -14.58
N TRP A 251 -6.24 8.00 -14.06
CA TRP A 251 -4.99 7.88 -13.31
C TRP A 251 -3.86 7.41 -14.21
N VAL A 252 -2.72 8.08 -14.09
CA VAL A 252 -1.51 7.67 -14.82
C VAL A 252 -0.83 6.58 -13.99
N VAL A 253 -0.86 5.35 -14.52
CA VAL A 253 -0.40 4.19 -13.75
C VAL A 253 0.99 3.71 -14.15
N ASN A 254 1.58 4.26 -15.20
CA ASN A 254 2.95 3.93 -15.54
C ASN A 254 3.89 5.03 -15.04
N PHE A 255 5.19 4.79 -15.21
CA PHE A 255 6.22 5.70 -14.72
C PHE A 255 7.52 5.35 -15.43
N ALA A 256 8.35 6.36 -15.62
CA ALA A 256 9.66 6.14 -16.21
C ALA A 256 10.56 5.44 -15.19
N GLN A 257 11.01 4.23 -15.52
CA GLN A 257 11.91 3.49 -14.63
C GLN A 257 13.33 4.02 -14.81
N LYS A 258 13.51 5.27 -14.39
CA LYS A 258 14.79 5.94 -14.58
C LYS A 258 15.83 5.37 -13.63
N SER A 259 17.08 5.34 -14.10
CA SER A 259 18.18 4.96 -13.22
C SER A 259 18.40 6.08 -12.22
N PHE A 260 18.58 5.71 -10.95
CA PHE A 260 18.74 6.73 -9.91
C PHE A 260 19.98 7.59 -10.16
N SER A 261 21.01 7.04 -10.81
CA SER A 261 22.17 7.84 -11.13
C SER A 261 21.80 9.05 -11.99
N GLU A 262 20.88 8.85 -12.94
CA GLU A 262 20.46 9.95 -13.81
C GLU A 262 19.78 11.07 -13.04
N LEU A 263 19.19 10.75 -11.88
CA LEU A 263 18.57 11.75 -11.02
C LEU A 263 19.51 12.22 -9.91
N GLY A 264 20.75 11.72 -9.88
CA GLY A 264 21.65 12.05 -8.80
C GLY A 264 21.23 11.50 -7.47
N LEU A 265 20.39 10.47 -7.47
CA LEU A 265 19.94 9.83 -6.24
C LEU A 265 20.91 8.72 -5.88
N GLN A 266 21.59 8.89 -4.75
CA GLN A 266 22.57 7.90 -4.32
C GLN A 266 21.84 6.67 -3.78
N GLN A 267 22.29 5.49 -4.20
CA GLN A 267 21.74 4.23 -3.70
C GLN A 267 22.56 3.82 -2.48
N LEU A 268 21.97 3.95 -1.31
CA LEU A 268 22.71 3.72 -0.07
C LEU A 268 22.93 2.24 0.17
N LYS A 269 24.06 1.93 0.83
CA LYS A 269 24.28 0.60 1.36
C LYS A 269 23.51 0.47 2.66
N ALA A 270 22.53 -0.44 2.70
CA ALA A 270 21.73 -0.61 3.88
C ALA A 270 22.56 -1.31 4.95
N THR A 271 22.93 -0.58 5.98
CA THR A 271 23.61 -1.15 7.13
C THR A 271 22.76 -0.89 8.36
N VAL A 272 22.99 -1.68 9.40
CA VAL A 272 22.20 -1.54 10.63
C VAL A 272 22.28 -0.12 11.16
N PRO A 273 23.44 0.54 11.22
CA PRO A 273 23.43 1.95 11.66
C PRO A 273 22.67 2.87 10.72
N VAL A 274 22.84 2.70 9.40
CA VAL A 274 22.11 3.55 8.46
C VAL A 274 20.61 3.38 8.65
N ILE A 275 20.15 2.14 8.69
CA ILE A 275 18.72 1.85 8.85
C ILE A 275 18.21 2.45 10.16
N LYS A 276 18.96 2.26 11.24
CA LYS A 276 18.50 2.75 12.54
C LYS A 276 18.37 4.26 12.55
N GLY A 277 19.34 4.97 11.94
CA GLY A 277 19.28 6.42 11.95
C GLY A 277 18.11 6.96 11.16
N PHE A 278 17.85 6.36 10.00
CA PHE A 278 16.70 6.79 9.20
C PHE A 278 15.38 6.46 9.89
N LEU A 279 15.30 5.29 10.55
CA LEU A 279 14.07 4.95 11.27
C LEU A 279 13.83 5.94 12.40
N ARG A 280 14.87 6.25 13.17
CA ARG A 280 14.74 7.23 14.23
C ARG A 280 14.15 8.53 13.69
N ASN A 281 14.68 9.01 12.57
CA ASN A 281 14.27 10.29 11.95
C ASN A 281 12.85 10.14 11.41
N PHE A 282 12.53 9.00 10.82
CA PHE A 282 11.17 8.73 10.35
C PHE A 282 10.15 8.88 11.47
N PHE A 283 10.38 8.19 12.58
CA PHE A 283 9.42 8.24 13.68
C PHE A 283 9.37 9.63 14.29
N ALA A 284 10.51 10.30 14.36
CA ALA A 284 10.60 11.67 14.91
C ALA A 284 9.76 12.59 14.03
N TYR A 285 9.90 12.44 12.72
CA TYR A 285 9.21 13.27 11.70
C TYR A 285 7.70 13.12 11.85
N PHE A 286 7.19 11.91 11.92
CA PHE A 286 5.74 11.74 11.98
C PHE A 286 5.18 11.93 13.37
N ALA A 287 6.03 12.00 14.37
CA ALA A 287 5.61 12.34 15.75
C ALA A 287 5.26 13.83 15.76
N LYS A 288 6.03 14.64 15.04
CA LYS A 288 5.87 16.13 15.02
C LYS A 288 5.15 16.64 13.78
N PHE A 289 4.73 15.77 12.86
CA PHE A 289 4.07 16.18 11.60
C PHE A 289 2.76 16.89 11.93
N ASP A 290 2.41 17.93 11.18
CA ASP A 290 1.19 18.73 11.40
C ASP A 290 0.09 18.17 10.51
N TYR A 291 -0.59 17.14 11.00
CA TYR A 291 -1.65 16.44 10.25
C TYR A 291 -2.87 17.35 10.04
N GLU A 292 -2.97 18.47 10.75
CA GLU A 292 -4.11 19.34 10.56
C GLU A 292 -4.02 20.14 9.26
N HIS A 293 -2.81 20.47 8.80
CA HIS A 293 -2.63 21.36 7.66
C HIS A 293 -1.87 20.75 6.50
N PHE A 294 -1.14 19.65 6.72
CA PHE A 294 -0.30 19.07 5.69
C PHE A 294 -0.69 17.63 5.45
N LEU A 295 -0.31 17.10 4.29
CA LEU A 295 -0.60 15.73 3.92
C LEU A 295 0.67 15.03 3.48
N VAL A 296 0.69 13.71 3.65
CA VAL A 296 1.75 12.86 3.10
C VAL A 296 1.48 12.71 1.61
N CYS A 297 2.44 13.11 0.78
CA CYS A 297 2.23 13.33 -0.65
C CYS A 297 3.40 12.81 -1.46
N PRO A 298 3.51 11.48 -1.60
CA PRO A 298 4.60 10.92 -2.45
C PRO A 298 4.49 11.30 -3.92
N TYR A 299 3.31 11.73 -4.39
CA TYR A 299 3.21 12.23 -5.75
C TYR A 299 4.09 13.48 -5.92
N ILE A 300 3.98 14.42 -4.99
CA ILE A 300 4.75 15.66 -5.06
C ILE A 300 6.16 15.46 -4.52
N GLY A 301 6.30 14.68 -3.45
CA GLY A 301 7.63 14.36 -2.94
C GLY A 301 8.40 15.55 -2.43
N GLN A 302 7.70 16.58 -1.94
CA GLN A 302 8.31 17.76 -1.38
C GLN A 302 7.81 17.98 0.04
N ALA A 303 8.60 18.70 0.83
CA ALA A 303 8.19 18.99 2.19
C ALA A 303 6.97 19.91 2.22
N ASN A 304 6.18 19.78 3.28
CA ASN A 304 5.14 20.74 3.64
C ASN A 304 4.16 20.98 2.50
N VAL A 305 3.53 19.89 2.04
CA VAL A 305 2.47 19.99 1.04
C VAL A 305 1.17 20.30 1.77
N GLU A 306 0.63 21.49 1.53
CA GLU A 306 -0.55 21.93 2.28
C GLU A 306 -1.81 21.28 1.75
N ILE A 307 -2.68 20.91 2.69
CA ILE A 307 -4.00 20.38 2.34
C ILE A 307 -4.78 21.41 1.53
N ALA A 308 -4.60 22.69 1.85
CA ALA A 308 -5.33 23.77 1.19
C ALA A 308 -4.85 24.03 -0.23
N LYS A 309 -3.70 23.48 -0.62
CA LYS A 309 -3.11 23.75 -1.93
C LYS A 309 -3.03 22.53 -2.83
N ILE A 310 -3.23 21.32 -2.30
CA ILE A 310 -2.81 20.12 -3.01
C ILE A 310 -3.60 19.94 -4.29
N GLU A 311 -4.91 20.21 -4.27
CA GLU A 311 -5.74 19.89 -5.42
C GLU A 311 -5.32 20.67 -6.67
N ARG A 312 -4.84 21.89 -6.50
CA ARG A 312 -4.36 22.67 -7.64
C ARG A 312 -2.98 22.24 -8.10
N MET A 313 -2.28 21.40 -7.32
CA MET A 313 -0.96 20.91 -7.69
C MET A 313 -1.00 19.61 -8.48
N LEU A 314 -2.18 19.04 -8.71
CA LEU A 314 -2.29 17.72 -9.31
C LEU A 314 -2.44 17.85 -10.83
N HIS A 315 -2.24 16.74 -11.54
CA HIS A 315 -2.15 16.78 -12.99
C HIS A 315 -3.52 17.07 -13.60
N ALA A 316 -3.51 17.35 -14.91
CA ALA A 316 -4.70 17.85 -15.58
C ALA A 316 -5.83 16.83 -15.59
N ARG A 317 -5.50 15.53 -15.65
CA ARG A 317 -6.55 14.52 -15.66
C ARG A 317 -7.29 14.48 -14.33
N TYR A 318 -6.58 14.69 -13.21
CA TYR A 318 -7.27 14.79 -11.93
C TYR A 318 -8.24 15.96 -11.94
N SER A 319 -7.76 17.14 -12.33
CA SER A 319 -8.61 18.33 -12.36
C SER A 319 -9.83 18.12 -13.26
N ALA A 320 -9.62 17.54 -14.45
CA ALA A 320 -10.75 17.31 -15.34
C ALA A 320 -11.74 16.33 -14.72
N TYR A 321 -11.23 15.30 -14.06
CA TYR A 321 -12.08 14.27 -13.48
C TYR A 321 -12.95 14.81 -12.36
N VAL A 322 -12.39 15.62 -11.46
CA VAL A 322 -13.17 16.12 -10.33
C VAL A 322 -14.07 17.28 -10.73
N SER A 323 -13.73 18.02 -11.80
CA SER A 323 -14.66 19.01 -12.32
C SER A 323 -15.96 18.34 -12.74
N ASP A 324 -15.87 17.25 -13.51
CA ASP A 324 -17.08 16.52 -13.91
C ASP A 324 -17.70 15.76 -12.75
N ASN A 325 -16.88 15.34 -11.78
CA ASN A 325 -17.35 14.57 -10.63
C ASN A 325 -16.75 15.16 -9.36
N PRO A 326 -17.33 16.23 -8.84
CA PRO A 326 -16.82 16.81 -7.59
C PRO A 326 -16.91 15.86 -6.41
N GLU A 327 -17.84 14.91 -6.44
CA GLU A 327 -18.00 13.94 -5.36
C GLU A 327 -16.84 12.96 -5.27
N CYS A 328 -15.96 12.92 -6.27
CA CYS A 328 -14.84 11.99 -6.31
C CYS A 328 -13.51 12.66 -6.01
N SER A 329 -13.53 13.84 -5.40
CA SER A 329 -12.27 14.49 -5.06
C SER A 329 -11.67 13.83 -3.81
N ILE A 330 -10.36 14.01 -3.64
CA ILE A 330 -9.69 13.41 -2.50
C ILE A 330 -10.33 13.94 -1.22
N GLN A 331 -10.47 13.06 -0.24
CA GLN A 331 -11.12 13.41 1.03
C GLN A 331 -10.06 14.03 1.94
N LEU A 332 -10.08 15.36 2.01
CA LEU A 332 -9.09 16.12 2.76
C LEU A 332 -9.55 16.50 4.15
N LYS A 333 -10.85 16.45 4.43
CA LYS A 333 -11.38 16.81 5.73
C LYS A 333 -11.40 15.59 6.65
N LYS A 334 -10.21 15.08 6.90
CA LYS A 334 -10.02 13.90 7.72
C LYS A 334 -8.84 14.16 8.65
N PRO A 335 -8.82 13.51 9.82
CA PRO A 335 -7.67 13.70 10.73
C PRO A 335 -6.33 13.48 10.08
N MET A 336 -6.22 12.51 9.18
CA MET A 336 -4.95 12.06 8.63
C MET A 336 -5.10 11.91 7.13
N VAL A 337 -4.26 12.61 6.37
CA VAL A 337 -4.36 12.61 4.91
C VAL A 337 -3.04 12.10 4.34
N VAL A 338 -3.11 10.92 3.71
CA VAL A 338 -2.00 10.29 3.02
C VAL A 338 -2.51 9.95 1.62
N GLN A 339 -1.95 10.60 0.60
CA GLN A 339 -2.48 10.49 -0.76
C GLN A 339 -1.79 9.38 -1.54
N ASP A 340 -2.59 8.49 -2.12
CA ASP A 340 -2.03 7.49 -3.03
C ASP A 340 -1.32 8.19 -4.19
N PRO A 341 -0.08 7.81 -4.53
CA PRO A 341 0.66 8.54 -5.57
C PRO A 341 0.14 8.32 -6.97
N ILE A 342 -0.73 7.34 -7.19
CA ILE A 342 -1.29 7.03 -8.50
C ILE A 342 -2.78 7.34 -8.54
N GLN A 343 -3.55 6.76 -7.63
CA GLN A 343 -4.97 7.10 -7.50
C GLN A 343 -5.08 8.35 -6.63
N LEU A 344 -4.88 9.51 -7.27
CA LEU A 344 -4.68 10.76 -6.55
C LEU A 344 -5.92 11.25 -5.82
N ASN A 345 -7.07 10.63 -6.03
CA ASN A 345 -8.31 11.01 -5.32
C ASN A 345 -8.50 10.14 -4.07
N HIS A 346 -7.56 9.27 -3.73
CA HIS A 346 -7.70 8.35 -2.58
C HIS A 346 -6.82 8.78 -1.39
N ASN A 347 -7.43 9.18 -0.28
CA ASN A 347 -6.72 9.41 0.98
C ASN A 347 -6.74 8.05 1.66
N VAL A 348 -5.63 7.33 1.62
CA VAL A 348 -5.60 5.95 2.10
C VAL A 348 -5.80 5.86 3.61
N THR A 349 -5.62 6.96 4.34
CA THR A 349 -5.84 6.99 5.79
C THR A 349 -7.13 7.71 6.15
N LYS A 350 -8.11 7.70 5.24
CA LYS A 350 -9.37 8.41 5.45
C LYS A 350 -10.15 7.88 6.64
N ALA A 351 -9.95 6.62 7.02
CA ALA A 351 -10.70 6.03 8.13
C ALA A 351 -9.99 6.21 9.47
N VAL A 352 -8.84 6.86 9.50
CA VAL A 352 -8.14 7.06 10.77
C VAL A 352 -8.87 8.12 11.58
N THR A 353 -9.10 7.82 12.86
CA THR A 353 -9.80 8.74 13.74
C THR A 353 -8.81 9.67 14.43
N LYS A 354 -9.35 10.73 15.04
CA LYS A 354 -8.51 11.63 15.85
C LYS A 354 -7.74 10.85 16.89
N TYR A 355 -8.39 9.87 17.53
CA TYR A 355 -7.76 9.11 18.60
C TYR A 355 -6.85 8.03 18.05
N GLY A 356 -7.19 7.45 16.90
CA GLY A 356 -6.22 6.58 16.23
C GLY A 356 -4.99 7.34 15.80
N LEU A 357 -5.17 8.56 15.29
CA LEU A 357 -4.03 9.39 14.93
C LEU A 357 -3.19 9.75 16.15
N GLN A 358 -3.84 10.20 17.23
CA GLN A 358 -3.11 10.51 18.45
C GLN A 358 -2.34 9.29 18.94
N THR A 359 -2.96 8.11 18.90
CA THR A 359 -2.26 6.90 19.28
C THR A 359 -1.02 6.69 18.41
N PHE A 360 -1.15 6.89 17.11
CA PHE A 360 -0.03 6.74 16.20
C PHE A 360 1.06 7.77 16.50
N VAL A 361 0.66 8.99 16.80
CA VAL A 361 1.62 10.10 17.06
C VAL A 361 2.35 9.79 18.36
N ASP A 362 1.65 9.37 19.40
CA ASP A 362 2.29 9.03 20.67
C ASP A 362 3.29 7.89 20.50
N TYR A 363 2.90 6.84 19.76
CA TYR A 363 3.80 5.71 19.56
C TYR A 363 5.03 6.12 18.77
N CYS A 364 4.87 6.98 17.75
CA CYS A 364 6.02 7.50 17.03
C CYS A 364 6.96 8.23 17.97
N GLN A 365 6.38 9.07 18.83
CA GLN A 365 7.14 9.86 19.81
C GLN A 365 8.02 8.92 20.64
N GLN A 366 7.41 7.96 21.33
CA GLN A 366 8.15 7.05 22.22
C GLN A 366 9.12 6.17 21.44
N THR A 367 8.80 5.84 20.19
CA THR A 367 9.70 5.02 19.39
C THR A 367 10.95 5.80 18.99
N ALA A 368 10.79 7.05 18.57
CA ALA A 368 11.95 7.87 18.24
C ALA A 368 12.88 7.98 19.44
N GLU A 369 12.33 8.18 20.64
CA GLU A 369 13.15 8.26 21.85
C GLU A 369 13.95 6.97 22.04
N LEU A 370 13.28 5.82 21.96
CA LEU A 370 13.96 4.56 22.20
C LEU A 370 15.07 4.29 21.18
N LEU A 371 14.98 4.88 20.00
CA LEU A 371 16.03 4.77 18.99
C LEU A 371 17.09 5.86 19.15
N GLU A 372 17.00 6.65 20.23
CA GLU A 372 17.96 7.70 20.56
C GLU A 372 17.82 8.90 19.63
#